data_7ZIY
#
_entry.id   7ZIY
#
_cell.length_a   44.240
_cell.length_b   46.060
_cell.length_c   79.060
_cell.angle_alpha   94.414
_cell.angle_beta   90.000
_cell.angle_gamma   109.505
#
_symmetry.space_group_name_H-M   'P 1'
#
loop_
_entity.id
_entity.type
_entity.pdbx_description
1 polymer 'Haloalkane dehalogenase'
2 non-polymer [9-[2-carboxy-5-[2-[2-[5-(trifluoromethylsulfonylamino)pentoxy]ethoxy]ethylcarbamoyl]phenyl]-6-(dimethylamino)xanthen-3-ylidene]-dimethyl-azanium
3 non-polymer 'CALCIUM ION'
4 water water
#
_entity_poly.entity_id   1
_entity_poly.type   'polypeptide(L)'
_entity_poly.pdbx_seq_one_letter_code
;GIGTGFPFDPHYVEVLGERMHYVDVGPRDGTPVLFLHGNPTSSYVWRNIIPHVAPTHRCIAPDLIGMGKSDKPDLGYFFD
DHVRFMDAFIEALGLEEVVLVIHDWGSALGFHWAKRNPERVKGIAFMEFIRPIPTWDEWPEFARETFQAFRTTDVGRKLI
IDQNVFIEGTLPMGVVRPLTEVEMDHYREPFLNPVDREPLWRFPNELPIAGEPANIVALVEEYMDWLHQSPVPKLLFWGT
PGVLIPPAEAARLAKSLPNCKAVDIGPGLNLLQEDNPDLIGSEIARWLSTLEI
;
_entity_poly.pdbx_strand_id   A,B
#
loop_
_chem_comp.id
_chem_comp.type
_chem_comp.name
_chem_comp.formula
CA non-polymer 'CALCIUM ION' 'Ca 2'
IYI non-polymer [9-[2-carboxy-5-[2-[2-[5-(trifluoromethylsulfonylamino)pentoxy]ethoxy]ethylcarbamoyl]phenyl]-6-(dimethylamino)xanthen-3-ylidene]-dimethyl-azanium 'C35 H42 F3 N4 O8 S 1'
#
# COMPACT_ATOMS: atom_id res chain seq x y z
N GLY A 1 -14.21 5.39 -15.01
CA GLY A 1 -13.29 4.72 -14.11
C GLY A 1 -13.28 3.24 -14.42
N ILE A 2 -12.48 2.45 -13.69
CA ILE A 2 -12.45 1.02 -13.93
C ILE A 2 -13.75 0.42 -13.44
N GLY A 3 -14.33 -0.49 -14.23
CA GLY A 3 -15.64 -1.03 -13.90
C GLY A 3 -15.65 -1.87 -12.63
N THR A 4 -16.70 -1.69 -11.83
CA THR A 4 -16.87 -2.43 -10.58
C THR A 4 -17.96 -3.48 -10.66
N GLY A 5 -18.77 -3.49 -11.73
CA GLY A 5 -19.87 -4.43 -11.79
C GLY A 5 -19.44 -5.78 -12.33
N PHE A 6 -20.29 -6.76 -12.12
CA PHE A 6 -20.08 -8.12 -12.61
C PHE A 6 -21.36 -8.56 -13.29
N PRO A 7 -21.55 -8.16 -14.55
CA PRO A 7 -22.85 -8.33 -15.20
C PRO A 7 -23.14 -9.72 -15.74
N PHE A 8 -22.30 -10.71 -15.49
CA PHE A 8 -22.39 -11.98 -16.20
C PHE A 8 -23.43 -12.90 -15.58
N ASP A 9 -24.22 -13.56 -16.44
CA ASP A 9 -25.18 -14.56 -15.96
C ASP A 9 -24.43 -15.75 -15.35
N PRO A 10 -24.93 -16.33 -14.26
CA PRO A 10 -24.27 -17.48 -13.67
C PRO A 10 -24.53 -18.76 -14.47
N HIS A 11 -23.48 -19.56 -14.64
CA HIS A 11 -23.60 -20.90 -15.18
C HIS A 11 -22.96 -21.83 -14.18
N TYR A 12 -23.51 -23.04 -14.07
CA TYR A 12 -23.07 -24.02 -13.08
C TYR A 12 -22.92 -25.37 -13.78
N VAL A 13 -21.94 -26.14 -13.34
CA VAL A 13 -21.73 -27.47 -13.88
C VAL A 13 -21.31 -28.35 -12.72
N GLU A 14 -21.80 -29.58 -12.72
CA GLU A 14 -21.43 -30.56 -11.72
C GLU A 14 -20.08 -31.17 -12.06
N VAL A 15 -19.18 -31.21 -11.08
CA VAL A 15 -17.80 -31.60 -11.31
C VAL A 15 -17.38 -32.40 -10.07
N LEU A 16 -17.11 -33.69 -10.25
CA LEU A 16 -16.71 -34.58 -9.15
C LEU A 16 -17.66 -34.47 -7.96
N GLY A 17 -18.94 -34.35 -8.23
CA GLY A 17 -19.89 -34.30 -7.14
C GLY A 17 -20.11 -32.91 -6.57
N GLU A 18 -19.42 -31.89 -7.09
CA GLU A 18 -19.53 -30.52 -6.60
C GLU A 18 -20.00 -29.59 -7.71
N ARG A 19 -20.66 -28.50 -7.33
CA ARG A 19 -21.09 -27.50 -8.31
C ARG A 19 -20.03 -26.42 -8.47
N MET A 20 -19.57 -26.20 -9.71
CA MET A 20 -18.67 -25.08 -9.99
C MET A 20 -19.41 -24.04 -10.83
N HIS A 21 -19.16 -22.77 -10.53
CA HIS A 21 -19.77 -21.64 -11.22
C HIS A 21 -18.79 -21.15 -12.28
N TYR A 22 -19.31 -20.71 -13.43
CA TYR A 22 -18.40 -20.14 -14.41
C TYR A 22 -19.12 -19.10 -15.26
N VAL A 23 -18.33 -18.13 -15.72
CA VAL A 23 -18.78 -17.17 -16.74
C VAL A 23 -18.66 -17.82 -18.10
N ASP A 24 -19.64 -17.60 -18.97
CA ASP A 24 -19.59 -18.18 -20.31
C ASP A 24 -20.25 -17.16 -21.23
N VAL A 25 -19.45 -16.38 -21.93
CA VAL A 25 -19.98 -15.39 -22.88
C VAL A 25 -19.28 -15.47 -24.22
N GLY A 26 -19.80 -14.72 -25.19
CA GLY A 26 -19.16 -14.65 -26.47
C GLY A 26 -19.75 -15.65 -27.45
N PRO A 27 -19.28 -15.61 -28.69
CA PRO A 27 -19.85 -16.50 -29.71
C PRO A 27 -19.59 -17.97 -29.40
N ARG A 28 -20.51 -18.82 -29.88
CA ARG A 28 -20.52 -20.22 -29.48
C ARG A 28 -19.48 -21.05 -30.23
N ASP A 29 -19.20 -20.72 -31.48
CA ASP A 29 -18.25 -21.52 -32.23
C ASP A 29 -16.86 -20.92 -32.06
N GLY A 30 -15.88 -21.55 -32.68
CA GLY A 30 -14.51 -21.09 -32.60
C GLY A 30 -13.80 -21.67 -31.39
N THR A 31 -12.53 -21.37 -31.30
CA THR A 31 -11.75 -21.84 -30.18
C THR A 31 -12.06 -20.99 -28.97
N PRO A 32 -12.44 -21.58 -27.84
CA PRO A 32 -12.75 -20.75 -26.66
C PRO A 32 -11.50 -20.33 -25.91
N VAL A 33 -11.67 -19.27 -25.13
CA VAL A 33 -10.61 -18.69 -24.34
C VAL A 33 -10.97 -18.97 -22.88
N LEU A 34 -10.06 -19.62 -22.14
CA LEU A 34 -10.33 -20.12 -20.79
C LEU A 34 -9.52 -19.26 -19.81
N PHE A 35 -10.23 -18.49 -18.98
CA PHE A 35 -9.62 -17.55 -18.05
C PHE A 35 -9.53 -18.21 -16.67
N LEU A 36 -8.33 -18.32 -16.11
CA LEU A 36 -8.15 -18.94 -14.80
C LEU A 36 -7.58 -17.94 -13.78
N HIS A 37 -8.36 -17.66 -12.75
CA HIS A 37 -7.95 -16.74 -11.69
C HIS A 37 -7.12 -17.49 -10.64
N GLY A 38 -6.54 -16.73 -9.72
CA GLY A 38 -5.74 -17.28 -8.63
C GLY A 38 -6.23 -16.79 -7.27
N ASN A 39 -5.22 -16.65 -6.31
CA ASN A 39 -5.52 -16.32 -4.91
C ASN A 39 -5.41 -14.82 -4.67
N PRO A 40 -6.38 -14.21 -3.99
CA PRO A 40 -7.62 -14.69 -3.38
C PRO A 40 -8.86 -14.25 -4.19
N THR A 41 -8.78 -14.41 -5.48
CA THR A 41 -9.76 -13.75 -6.36
C THR A 41 -10.82 -14.77 -6.82
N SER A 42 -11.47 -14.46 -7.95
CA SER A 42 -12.52 -15.26 -8.56
C SER A 42 -12.61 -14.77 -10.00
N SER A 43 -13.57 -15.29 -10.77
CA SER A 43 -13.80 -14.72 -12.09
C SER A 43 -14.00 -13.21 -12.09
N TYR A 44 -14.41 -12.64 -10.94
CA TYR A 44 -14.50 -11.19 -10.79
C TYR A 44 -13.23 -10.49 -11.29
N VAL A 45 -12.05 -11.12 -11.11
CA VAL A 45 -10.82 -10.45 -11.50
C VAL A 45 -10.74 -10.25 -13.02
N TRP A 46 -11.53 -10.99 -13.80
CA TRP A 46 -11.48 -10.91 -15.24
C TRP A 46 -12.57 -10.01 -15.81
N ARG A 47 -13.39 -9.39 -14.94
CA ARG A 47 -14.62 -8.71 -15.39
C ARG A 47 -14.33 -7.60 -16.39
N ASN A 48 -13.18 -6.95 -16.32
CA ASN A 48 -12.89 -5.89 -17.27
C ASN A 48 -11.90 -6.30 -18.34
N ILE A 49 -11.48 -7.57 -18.36
CA ILE A 49 -10.66 -8.12 -19.46
C ILE A 49 -11.54 -8.77 -20.52
N ILE A 50 -12.48 -9.60 -20.07
CA ILE A 50 -13.38 -10.40 -20.87
C ILE A 50 -14.11 -9.53 -21.90
N PRO A 51 -14.63 -8.34 -21.57
CA PRO A 51 -15.35 -7.56 -22.61
C PRO A 51 -14.52 -7.16 -23.81
N HIS A 52 -13.19 -7.24 -23.76
CA HIS A 52 -12.37 -6.97 -24.94
C HIS A 52 -12.32 -8.16 -25.88
N VAL A 53 -12.57 -9.34 -25.35
CA VAL A 53 -12.39 -10.59 -26.06
C VAL A 53 -13.71 -11.20 -26.48
N ALA A 54 -14.75 -11.03 -25.66
CA ALA A 54 -16.06 -11.60 -25.93
C ALA A 54 -16.75 -11.11 -27.22
N PRO A 55 -16.38 -9.97 -27.84
CA PRO A 55 -17.00 -9.67 -29.17
C PRO A 55 -16.76 -10.78 -30.16
N THR A 56 -15.57 -11.39 -30.17
CA THR A 56 -15.24 -12.33 -31.23
C THR A 56 -14.76 -13.69 -30.74
N HIS A 57 -14.73 -13.93 -29.41
CA HIS A 57 -14.27 -15.20 -28.88
C HIS A 57 -15.10 -15.63 -27.69
N ARG A 58 -15.45 -16.91 -27.64
CA ARG A 58 -16.07 -17.46 -26.44
C ARG A 58 -15.11 -17.31 -25.26
N CYS A 59 -15.62 -16.81 -24.15
CA CYS A 59 -14.85 -16.59 -22.93
C CYS A 59 -15.47 -17.45 -21.84
N ILE A 60 -14.66 -18.32 -21.24
CA ILE A 60 -15.10 -19.18 -20.13
C ILE A 60 -14.22 -18.84 -18.94
N ALA A 61 -14.84 -18.45 -17.81
CA ALA A 61 -14.07 -18.10 -16.61
C ALA A 61 -14.67 -18.80 -15.40
N PRO A 62 -14.11 -19.94 -15.01
CA PRO A 62 -14.60 -20.66 -13.82
C PRO A 62 -14.15 -20.00 -12.53
N ASP A 63 -14.93 -20.24 -11.49
CA ASP A 63 -14.42 -19.99 -10.14
C ASP A 63 -13.81 -21.30 -9.65
N LEU A 64 -12.55 -21.25 -9.21
CA LEU A 64 -11.91 -22.46 -8.67
C LEU A 64 -12.74 -23.08 -7.56
N ILE A 65 -12.64 -24.40 -7.40
CA ILE A 65 -13.32 -25.06 -6.29
C ILE A 65 -12.92 -24.36 -4.99
N GLY A 66 -13.90 -24.15 -4.10
CA GLY A 66 -13.60 -23.47 -2.85
C GLY A 66 -13.64 -21.95 -2.90
N MET A 67 -13.88 -21.35 -4.07
CA MET A 67 -13.74 -19.91 -4.27
C MET A 67 -14.92 -19.36 -5.05
N GLY A 68 -15.05 -18.04 -5.03
CA GLY A 68 -16.12 -17.36 -5.76
C GLY A 68 -17.47 -17.97 -5.40
N LYS A 69 -18.22 -18.35 -6.43
CA LYS A 69 -19.58 -18.89 -6.33
C LYS A 69 -19.58 -20.41 -6.49
N SER A 70 -18.41 -21.03 -6.54
CA SER A 70 -18.29 -22.47 -6.58
C SER A 70 -18.50 -23.09 -5.19
N ASP A 71 -18.94 -24.34 -5.18
CA ASP A 71 -19.13 -25.06 -3.92
C ASP A 71 -17.81 -25.13 -3.15
N LYS A 72 -17.93 -25.34 -1.85
CA LYS A 72 -16.79 -25.23 -0.94
C LYS A 72 -16.72 -26.47 -0.04
N PRO A 73 -16.41 -27.63 -0.61
CA PRO A 73 -16.29 -28.83 0.22
C PRO A 73 -15.11 -28.75 1.17
N ASP A 74 -15.22 -29.61 2.19
CA ASP A 74 -14.18 -29.84 3.19
C ASP A 74 -12.94 -30.49 2.56
N LEU A 75 -12.17 -29.70 1.82
CA LEU A 75 -10.93 -30.20 1.27
C LEU A 75 -9.74 -29.52 1.93
N GLY A 76 -8.56 -30.07 1.67
CA GLY A 76 -7.36 -29.34 2.06
C GLY A 76 -7.02 -28.21 1.13
N TYR A 77 -7.56 -28.26 -0.10
CA TYR A 77 -7.35 -27.22 -1.09
C TYR A 77 -5.88 -27.14 -1.45
N PHE A 78 -5.21 -28.29 -1.44
CA PHE A 78 -3.87 -28.40 -2.00
C PHE A 78 -3.91 -28.13 -3.50
N PHE A 79 -2.76 -27.80 -4.07
CA PHE A 79 -2.74 -27.60 -5.50
C PHE A 79 -3.27 -28.85 -6.21
N ASP A 80 -2.93 -30.04 -5.70
CA ASP A 80 -3.46 -31.28 -6.29
C ASP A 80 -4.99 -31.30 -6.32
N ASP A 81 -5.64 -30.70 -5.32
CA ASP A 81 -7.10 -30.71 -5.32
C ASP A 81 -7.62 -29.85 -6.46
N HIS A 82 -7.01 -28.67 -6.61
CA HIS A 82 -7.40 -27.77 -7.69
C HIS A 82 -7.14 -28.41 -9.04
N VAL A 83 -6.05 -29.18 -9.17
CA VAL A 83 -5.79 -29.87 -10.45
C VAL A 83 -6.90 -30.85 -10.76
N ARG A 84 -7.28 -31.68 -9.78
CA ARG A 84 -8.32 -32.66 -10.04
C ARG A 84 -9.61 -32.00 -10.48
N PHE A 85 -9.97 -30.89 -9.82
CA PHE A 85 -11.22 -30.24 -10.15
C PHE A 85 -11.13 -29.50 -11.46
N MET A 86 -10.00 -28.87 -11.76
CA MET A 86 -10.02 -28.17 -13.04
C MET A 86 -9.86 -29.12 -14.23
N ASP A 87 -9.12 -30.20 -14.05
CA ASP A 87 -9.15 -31.25 -15.06
C ASP A 87 -10.60 -31.64 -15.38
N ALA A 88 -11.39 -31.88 -14.33
CA ALA A 88 -12.75 -32.39 -14.52
C ALA A 88 -13.68 -31.32 -15.07
N PHE A 89 -13.48 -30.05 -14.69
CA PHE A 89 -14.25 -28.95 -15.25
C PHE A 89 -14.08 -28.85 -16.76
N ILE A 90 -12.83 -28.86 -17.22
CA ILE A 90 -12.57 -28.78 -18.66
C ILE A 90 -13.24 -29.94 -19.40
N GLU A 91 -13.15 -31.14 -18.85
CA GLU A 91 -13.81 -32.29 -19.46
C GLU A 91 -15.33 -32.18 -19.40
N ALA A 92 -15.86 -31.60 -18.32
CA ALA A 92 -17.32 -31.50 -18.19
C ALA A 92 -17.93 -30.57 -19.22
N LEU A 93 -17.20 -29.53 -19.62
CA LEU A 93 -17.67 -28.59 -20.63
C LEU A 93 -17.38 -29.09 -22.05
N GLY A 94 -16.71 -30.23 -22.16
CA GLY A 94 -16.44 -30.80 -23.45
C GLY A 94 -15.46 -29.98 -24.25
N LEU A 95 -14.57 -29.25 -23.59
CA LEU A 95 -13.62 -28.42 -24.30
C LEU A 95 -12.58 -29.30 -25.00
N GLU A 96 -12.22 -28.90 -26.22
CA GLU A 96 -11.25 -29.61 -27.03
C GLU A 96 -10.00 -28.74 -27.05
N GLU A 97 -9.80 -27.91 -28.07
CA GLU A 97 -8.69 -26.97 -28.12
C GLU A 97 -9.08 -25.67 -27.41
N VAL A 98 -8.11 -25.09 -26.69
CA VAL A 98 -8.37 -23.84 -25.96
C VAL A 98 -7.19 -22.88 -26.10
N VAL A 99 -7.45 -21.61 -25.81
CA VAL A 99 -6.42 -20.62 -25.53
C VAL A 99 -6.54 -20.33 -24.04
N LEU A 100 -5.42 -20.34 -23.32
CA LEU A 100 -5.43 -20.04 -21.90
C LEU A 100 -5.08 -18.57 -21.63
N VAL A 101 -5.82 -17.96 -20.69
CA VAL A 101 -5.50 -16.65 -20.08
C VAL A 101 -5.48 -16.85 -18.57
N ILE A 102 -4.28 -16.78 -17.96
CA ILE A 102 -4.06 -17.32 -16.62
C ILE A 102 -3.25 -16.37 -15.76
N HIS A 103 -3.45 -16.46 -14.43
CA HIS A 103 -2.92 -15.50 -13.46
C HIS A 103 -2.70 -16.23 -12.13
N ASP A 104 -1.56 -15.96 -11.49
CA ASP A 104 -1.33 -16.39 -10.10
C ASP A 104 -1.54 -17.90 -10.05
N TRP A 105 -2.27 -18.46 -9.09
CA TRP A 105 -2.40 -19.92 -9.06
C TRP A 105 -3.14 -20.46 -10.28
N GLY A 106 -3.87 -19.61 -10.99
CA GLY A 106 -4.51 -20.07 -12.21
C GLY A 106 -3.50 -20.38 -13.28
N SER A 107 -2.34 -19.73 -13.21
CA SER A 107 -1.28 -20.01 -14.16
C SER A 107 -0.63 -21.35 -13.86
N ALA A 108 -0.48 -21.70 -12.58
CA ALA A 108 0.07 -23.03 -12.29
C ALA A 108 -0.86 -24.08 -12.85
N LEU A 109 -2.17 -23.89 -12.62
CA LEU A 109 -3.15 -24.82 -13.17
C LEU A 109 -3.07 -24.85 -14.70
N GLY A 110 -3.02 -23.67 -15.34
CA GLY A 110 -3.04 -23.64 -16.79
C GLY A 110 -1.77 -24.21 -17.39
N PHE A 111 -0.60 -23.87 -16.80
CA PHE A 111 0.68 -24.37 -17.32
C PHE A 111 0.80 -25.87 -17.13
N HIS A 112 0.31 -26.39 -15.97
CA HIS A 112 0.43 -27.82 -15.71
C HIS A 112 -0.50 -28.62 -16.62
N TRP A 113 -1.68 -28.04 -16.94
CA TRP A 113 -2.60 -28.70 -17.86
C TRP A 113 -2.05 -28.69 -19.27
N ALA A 114 -1.48 -27.54 -19.69
CA ALA A 114 -0.93 -27.39 -21.03
C ALA A 114 0.28 -28.32 -21.23
N LYS A 115 1.17 -28.40 -20.23
CA LYS A 115 2.28 -29.34 -20.30
C LYS A 115 1.79 -30.78 -20.49
N ARG A 116 0.69 -31.13 -19.85
CA ARG A 116 0.17 -32.48 -19.97
C ARG A 116 -0.65 -32.68 -21.24
N ASN A 117 -1.12 -31.60 -21.86
CA ASN A 117 -2.04 -31.69 -23.00
C ASN A 117 -1.66 -30.68 -24.07
N PRO A 118 -0.43 -30.75 -24.56
CA PRO A 118 0.05 -29.63 -25.41
C PRO A 118 -0.66 -29.55 -26.75
N GLU A 119 -1.21 -30.65 -27.25
CA GLU A 119 -1.95 -30.61 -28.51
C GLU A 119 -3.24 -29.82 -28.41
N ARG A 120 -3.71 -29.52 -27.20
CA ARG A 120 -4.97 -28.80 -27.04
C ARG A 120 -4.82 -27.31 -26.72
N VAL A 121 -3.60 -26.80 -26.60
CA VAL A 121 -3.40 -25.43 -26.14
C VAL A 121 -2.84 -24.64 -27.31
N LYS A 122 -3.65 -23.72 -27.87
CA LYS A 122 -3.24 -22.96 -29.05
C LYS A 122 -2.58 -21.63 -28.73
N GLY A 123 -2.50 -21.27 -27.45
CA GLY A 123 -1.82 -20.06 -27.00
C GLY A 123 -1.96 -19.90 -25.50
N ILE A 124 -1.01 -19.21 -24.88
CA ILE A 124 -1.08 -18.92 -23.45
C ILE A 124 -0.77 -17.46 -23.19
N ALA A 125 -1.75 -16.74 -22.64
CA ALA A 125 -1.53 -15.40 -22.11
C ALA A 125 -1.44 -15.52 -20.60
N PHE A 126 -0.41 -14.89 -20.02
CA PHE A 126 -0.16 -15.10 -18.61
C PHE A 126 0.46 -13.84 -17.99
N MET A 127 0.38 -13.75 -16.68
CA MET A 127 0.78 -12.56 -15.94
C MET A 127 0.86 -12.92 -14.47
N GLU A 128 1.86 -12.39 -13.78
CA GLU A 128 2.07 -12.62 -12.34
C GLU A 128 1.82 -14.09 -11.99
N PHE A 129 2.64 -14.94 -12.59
CA PHE A 129 2.42 -16.37 -12.63
C PHE A 129 3.32 -17.11 -11.62
N ILE A 130 3.02 -18.39 -11.42
CA ILE A 130 3.74 -19.21 -10.43
C ILE A 130 5.01 -19.74 -11.06
N ARG A 131 6.16 -19.39 -10.46
CA ARG A 131 7.48 -19.83 -10.88
C ARG A 131 8.21 -20.32 -9.65
N PRO A 132 9.21 -21.16 -9.82
CA PRO A 132 10.02 -21.56 -8.67
C PRO A 132 10.91 -20.42 -8.23
N ILE A 133 10.57 -19.73 -7.16
CA ILE A 133 11.34 -18.58 -6.70
C ILE A 133 12.57 -19.08 -5.97
N PRO A 134 13.76 -18.72 -6.40
CA PRO A 134 14.95 -19.39 -5.85
C PRO A 134 15.27 -19.02 -4.40
N THR A 135 14.98 -17.78 -3.97
CA THR A 135 15.27 -17.37 -2.60
CA THR A 135 15.32 -17.31 -2.63
C THR A 135 14.23 -16.38 -2.13
N TRP A 136 14.10 -16.30 -0.80
CA TRP A 136 13.21 -15.26 -0.22
C TRP A 136 13.71 -13.86 -0.49
N ASP A 137 14.98 -13.71 -0.87
CA ASP A 137 15.45 -12.39 -1.28
C ASP A 137 14.82 -11.90 -2.58
N GLU A 138 14.17 -12.77 -3.35
CA GLU A 138 13.43 -12.35 -4.54
C GLU A 138 12.00 -11.93 -4.22
N TRP A 139 11.50 -12.28 -3.04
CA TRP A 139 10.18 -11.82 -2.61
C TRP A 139 10.26 -10.34 -2.22
N PRO A 140 9.26 -9.54 -2.61
CA PRO A 140 9.29 -8.10 -2.28
C PRO A 140 9.54 -7.85 -0.80
N GLU A 141 10.51 -6.98 -0.50
CA GLU A 141 10.90 -6.72 0.88
C GLU A 141 9.71 -6.35 1.76
N PHE A 142 8.80 -5.52 1.26
CA PHE A 142 7.73 -4.98 2.11
C PHE A 142 6.72 -6.05 2.53
N ALA A 143 6.78 -7.24 1.94
CA ALA A 143 5.81 -8.29 2.22
C ALA A 143 6.46 -9.57 2.73
N ARG A 144 7.76 -9.53 3.02
CA ARG A 144 8.52 -10.76 3.23
C ARG A 144 8.19 -11.43 4.55
N GLU A 145 8.24 -10.69 5.65
CA GLU A 145 7.99 -11.32 6.94
C GLU A 145 6.55 -11.82 7.03
N THR A 146 5.62 -11.15 6.36
CA THR A 146 4.23 -11.58 6.50
C THR A 146 4.00 -12.89 5.76
N PHE A 147 4.52 -13.02 4.54
CA PHE A 147 4.32 -14.24 3.78
C PHE A 147 5.06 -15.42 4.40
N GLN A 148 6.19 -15.16 5.09
CA GLN A 148 6.82 -16.23 5.86
C GLN A 148 5.94 -16.66 7.04
N ALA A 149 5.31 -15.69 7.71
CA ALA A 149 4.38 -16.03 8.78
C ALA A 149 3.15 -16.77 8.28
N PHE A 150 2.68 -16.44 7.06
CA PHE A 150 1.54 -17.15 6.51
C PHE A 150 1.82 -18.64 6.39
N ARG A 151 3.07 -19.01 6.19
CA ARG A 151 3.46 -20.41 5.97
C ARG A 151 3.72 -21.18 7.28
N THR A 152 2.83 -20.99 8.24
CA THR A 152 2.83 -21.73 9.51
C THR A 152 1.38 -22.05 9.82
N THR A 153 1.18 -23.05 10.67
CA THR A 153 -0.17 -23.42 11.08
C THR A 153 -0.65 -22.66 12.30
N ASP A 154 0.17 -21.78 12.89
CA ASP A 154 -0.32 -21.10 14.08
C ASP A 154 -0.56 -19.62 13.71
N VAL A 155 0.50 -18.80 13.57
CA VAL A 155 0.29 -17.38 13.23
C VAL A 155 -0.34 -17.28 11.85
N GLY A 156 0.03 -18.19 10.93
CA GLY A 156 -0.51 -18.08 9.58
C GLY A 156 -2.01 -18.24 9.52
N ARG A 157 -2.55 -19.23 10.23
CA ARG A 157 -4.00 -19.43 10.23
C ARG A 157 -4.70 -18.36 11.07
N LYS A 158 -4.08 -17.89 12.16
CA LYS A 158 -4.66 -16.73 12.85
C LYS A 158 -4.86 -15.56 11.89
N LEU A 159 -3.81 -15.23 11.12
CA LEU A 159 -3.91 -14.10 10.21
C LEU A 159 -4.92 -14.33 9.10
N ILE A 160 -4.83 -15.47 8.41
CA ILE A 160 -5.60 -15.62 7.16
C ILE A 160 -7.01 -16.13 7.43
N ILE A 161 -7.14 -17.11 8.31
CA ILE A 161 -8.44 -17.73 8.59
C ILE A 161 -9.23 -16.92 9.61
N ASP A 162 -8.64 -16.68 10.79
CA ASP A 162 -9.38 -16.02 11.86
C ASP A 162 -9.60 -14.53 11.59
N GLN A 163 -8.56 -13.84 11.12
CA GLN A 163 -8.62 -12.37 11.04
C GLN A 163 -8.88 -11.85 9.61
N ASN A 164 -8.85 -12.74 8.62
CA ASN A 164 -9.14 -12.43 7.21
C ASN A 164 -8.12 -11.48 6.61
N VAL A 165 -6.86 -11.54 7.07
CA VAL A 165 -5.87 -10.56 6.63
C VAL A 165 -5.58 -10.67 5.14
N PHE A 166 -5.69 -11.88 4.54
CA PHE A 166 -5.43 -11.97 3.10
C PHE A 166 -6.44 -11.17 2.26
N ILE A 167 -7.68 -11.07 2.72
CA ILE A 167 -8.68 -10.29 1.97
C ILE A 167 -8.61 -8.82 2.35
N GLU A 168 -8.51 -8.53 3.65
CA GLU A 168 -8.56 -7.13 4.10
C GLU A 168 -7.25 -6.38 3.89
N GLY A 169 -6.13 -7.12 3.81
CA GLY A 169 -4.86 -6.45 3.74
C GLY A 169 -3.99 -6.87 2.60
N THR A 170 -3.75 -8.17 2.44
CA THR A 170 -2.85 -8.57 1.37
C THR A 170 -3.42 -8.20 0.00
N LEU A 171 -4.71 -8.41 -0.20
CA LEU A 171 -5.33 -8.13 -1.49
C LEU A 171 -5.17 -6.66 -1.88
N PRO A 172 -5.54 -5.68 -1.05
CA PRO A 172 -5.28 -4.28 -1.45
C PRO A 172 -3.82 -4.02 -1.66
N MET A 173 -2.92 -4.63 -0.84
CA MET A 173 -1.49 -4.44 -1.02
C MET A 173 -0.94 -5.13 -2.27
N GLY A 174 -1.77 -5.85 -3.03
CA GLY A 174 -1.36 -6.38 -4.32
C GLY A 174 -1.89 -5.60 -5.50
N VAL A 175 -2.42 -4.41 -5.29
CA VAL A 175 -2.95 -3.55 -6.36
C VAL A 175 -2.37 -2.16 -6.12
N VAL A 176 -1.82 -1.55 -7.16
CA VAL A 176 -1.26 -0.22 -6.99
C VAL A 176 -2.37 0.79 -6.74
N ARG A 177 -3.38 0.81 -7.61
CA ARG A 177 -4.44 1.79 -7.41
C ARG A 177 -5.38 1.32 -6.30
N PRO A 178 -6.09 2.24 -5.66
CA PRO A 178 -6.97 1.83 -4.55
C PRO A 178 -8.25 1.14 -5.02
N LEU A 179 -8.60 0.06 -4.33
CA LEU A 179 -9.83 -0.69 -4.64
C LEU A 179 -11.02 -0.03 -3.96
N THR A 180 -12.14 0.06 -4.67
CA THR A 180 -13.33 0.70 -4.10
C THR A 180 -14.03 -0.24 -3.11
N GLU A 181 -14.90 0.33 -2.27
CA GLU A 181 -15.70 -0.49 -1.37
C GLU A 181 -16.52 -1.55 -2.09
N VAL A 182 -17.10 -1.20 -3.24
CA VAL A 182 -17.86 -2.17 -4.02
C VAL A 182 -16.97 -3.31 -4.48
N GLU A 183 -15.77 -2.98 -4.97
CA GLU A 183 -14.85 -4.02 -5.41
C GLU A 183 -14.43 -4.91 -4.23
N MET A 184 -14.04 -4.29 -3.10
CA MET A 184 -13.70 -5.04 -1.88
C MET A 184 -14.86 -5.93 -1.45
N ASP A 185 -16.09 -5.46 -1.60
CA ASP A 185 -17.18 -6.34 -1.18
C ASP A 185 -17.32 -7.54 -2.10
N HIS A 186 -17.00 -7.36 -3.39
CA HIS A 186 -17.03 -8.49 -4.32
C HIS A 186 -15.97 -9.52 -3.96
N TYR A 187 -14.79 -9.05 -3.55
CA TYR A 187 -13.75 -10.01 -3.11
C TYR A 187 -14.07 -10.63 -1.76
N ARG A 188 -14.76 -9.91 -0.87
CA ARG A 188 -15.10 -10.43 0.45
C ARG A 188 -16.18 -11.49 0.41
N GLU A 189 -17.11 -11.42 -0.54
CA GLU A 189 -18.33 -12.22 -0.46
C GLU A 189 -18.10 -13.74 -0.33
N PRO A 190 -17.21 -14.38 -1.08
CA PRO A 190 -17.07 -15.85 -0.92
C PRO A 190 -16.57 -16.27 0.45
N PHE A 191 -16.04 -15.34 1.24
CA PHE A 191 -15.23 -15.68 2.40
C PHE A 191 -15.79 -15.07 3.69
N LEU A 192 -17.08 -14.69 3.69
CA LEU A 192 -17.69 -14.13 4.89
C LEU A 192 -17.62 -15.09 6.07
N ASN A 193 -17.68 -16.36 5.83
CA ASN A 193 -17.58 -17.30 6.95
C ASN A 193 -16.14 -17.79 7.11
N PRO A 194 -15.52 -17.65 8.30
CA PRO A 194 -14.10 -18.04 8.43
C PRO A 194 -13.79 -19.47 8.01
N VAL A 195 -14.71 -20.40 8.20
CA VAL A 195 -14.37 -21.80 7.86
C VAL A 195 -14.21 -21.99 6.35
N ASP A 196 -14.65 -21.03 5.53
CA ASP A 196 -14.47 -21.12 4.09
C ASP A 196 -13.16 -20.51 3.62
N ARG A 197 -12.23 -20.20 4.53
CA ARG A 197 -11.03 -19.49 4.12
C ARG A 197 -9.84 -20.40 3.90
N GLU A 198 -10.01 -21.72 4.08
CA GLU A 198 -8.91 -22.65 3.86
C GLU A 198 -8.09 -22.42 2.60
N PRO A 199 -8.68 -22.23 1.39
CA PRO A 199 -7.82 -22.01 0.20
C PRO A 199 -6.95 -20.79 0.32
N LEU A 200 -7.43 -19.77 1.01
CA LEU A 200 -6.67 -18.54 1.11
C LEU A 200 -5.37 -18.77 1.85
N TRP A 201 -5.40 -19.70 2.80
CA TRP A 201 -4.22 -20.06 3.57
C TRP A 201 -3.41 -21.18 2.91
N ARG A 202 -4.04 -22.16 2.27
CA ARG A 202 -3.27 -23.24 1.68
C ARG A 202 -2.49 -22.75 0.46
N PHE A 203 -3.06 -21.83 -0.35
CA PHE A 203 -2.30 -21.35 -1.50
C PHE A 203 -0.94 -20.75 -1.16
N PRO A 204 -0.78 -19.82 -0.21
CA PRO A 204 0.57 -19.33 0.09
C PRO A 204 1.47 -20.39 0.68
N ASN A 205 0.90 -21.41 1.32
CA ASN A 205 1.69 -22.55 1.80
C ASN A 205 2.10 -23.52 0.69
N GLU A 206 1.52 -23.42 -0.51
CA GLU A 206 1.96 -24.20 -1.66
C GLU A 206 2.99 -23.44 -2.50
N LEU A 207 3.16 -22.13 -2.27
CA LEU A 207 4.04 -21.30 -3.08
C LEU A 207 5.45 -21.90 -3.13
N PRO A 208 6.01 -22.19 -4.32
CA PRO A 208 7.31 -22.84 -4.37
C PRO A 208 8.41 -21.81 -4.27
N ILE A 209 9.00 -21.67 -3.09
CA ILE A 209 10.02 -20.65 -2.86
C ILE A 209 11.12 -21.23 -1.97
N ALA A 210 12.37 -20.93 -2.33
CA ALA A 210 13.54 -21.46 -1.63
C ALA A 210 13.45 -22.97 -1.45
N GLY A 211 12.84 -23.66 -2.41
CA GLY A 211 12.84 -25.10 -2.43
C GLY A 211 11.72 -25.78 -1.68
N GLU A 212 10.83 -25.00 -1.05
CA GLU A 212 9.73 -25.52 -0.24
C GLU A 212 8.39 -25.08 -0.85
N PRO A 213 7.39 -25.98 -0.95
CA PRO A 213 7.43 -27.42 -0.71
C PRO A 213 8.03 -28.14 -1.88
N ALA A 214 8.81 -29.17 -1.59
CA ALA A 214 9.67 -29.74 -2.62
C ALA A 214 8.85 -30.29 -3.78
N ASN A 215 7.66 -30.84 -3.51
CA ASN A 215 6.89 -31.47 -4.58
C ASN A 215 6.31 -30.42 -5.52
N ILE A 216 5.93 -29.25 -4.98
CA ILE A 216 5.42 -28.20 -5.86
C ILE A 216 6.55 -27.65 -6.68
N VAL A 217 7.73 -27.49 -6.06
CA VAL A 217 8.87 -26.95 -6.78
C VAL A 217 9.18 -27.83 -8.00
N ALA A 218 9.16 -29.15 -7.80
CA ALA A 218 9.43 -30.07 -8.90
C ALA A 218 8.38 -29.93 -10.00
N LEU A 219 7.10 -29.85 -9.62
CA LEU A 219 6.02 -29.75 -10.60
C LEU A 219 6.15 -28.47 -11.41
N VAL A 220 6.39 -27.33 -10.74
CA VAL A 220 6.51 -26.05 -11.43
C VAL A 220 7.77 -26.03 -12.33
N GLU A 221 8.89 -26.57 -11.84
CA GLU A 221 10.08 -26.67 -12.68
C GLU A 221 9.80 -27.50 -13.93
N GLU A 222 8.95 -28.52 -13.82
CA GLU A 222 8.62 -29.33 -14.99
C GLU A 222 7.86 -28.50 -16.02
N TYR A 223 6.90 -27.68 -15.59
CA TYR A 223 6.21 -26.97 -16.65
C TYR A 223 7.02 -25.79 -17.18
N MET A 224 7.94 -25.25 -16.37
CA MET A 224 8.85 -24.23 -16.86
C MET A 224 9.80 -24.80 -17.91
N ASP A 225 10.33 -26.02 -17.66
CA ASP A 225 11.13 -26.72 -18.66
C ASP A 225 10.41 -26.82 -19.99
N TRP A 226 9.14 -27.25 -19.95
CA TRP A 226 8.33 -27.29 -21.16
C TRP A 226 8.17 -25.91 -21.78
N LEU A 227 7.87 -24.89 -20.96
CA LEU A 227 7.62 -23.57 -21.54
C LEU A 227 8.86 -23.02 -22.27
N HIS A 228 10.05 -23.34 -21.80
CA HIS A 228 11.27 -22.85 -22.41
C HIS A 228 11.59 -23.53 -23.72
N GLN A 229 10.93 -24.65 -24.05
CA GLN A 229 11.14 -25.30 -25.34
C GLN A 229 9.95 -25.18 -26.29
N SER A 230 8.74 -25.29 -25.77
CA SER A 230 7.54 -25.43 -26.59
C SER A 230 7.34 -24.22 -27.51
N PRO A 231 6.94 -24.45 -28.77
CA PRO A 231 6.58 -23.34 -29.67
C PRO A 231 5.26 -22.69 -29.36
N VAL A 232 4.57 -23.10 -28.30
CA VAL A 232 3.20 -22.59 -28.12
C VAL A 232 3.23 -21.07 -28.07
N PRO A 233 2.33 -20.35 -28.73
CA PRO A 233 2.38 -18.89 -28.67
C PRO A 233 2.14 -18.37 -27.27
N LYS A 234 2.94 -17.37 -26.86
CA LYS A 234 2.92 -16.89 -25.50
C LYS A 234 2.81 -15.38 -25.48
N LEU A 235 2.04 -14.88 -24.52
CA LEU A 235 1.87 -13.44 -24.31
C LEU A 235 2.06 -13.15 -22.82
N LEU A 236 3.13 -12.42 -22.48
CA LEU A 236 3.44 -12.16 -21.07
C LEU A 236 3.18 -10.70 -20.72
N PHE A 237 2.31 -10.47 -19.74
CA PHE A 237 2.08 -9.15 -19.15
C PHE A 237 2.88 -9.01 -17.86
N TRP A 238 3.50 -7.83 -17.68
CA TRP A 238 4.25 -7.59 -16.45
C TRP A 238 4.08 -6.13 -16.03
N GLY A 239 4.25 -5.90 -14.73
CA GLY A 239 4.18 -4.57 -14.18
C GLY A 239 5.35 -4.26 -13.25
N THR A 240 5.43 -2.99 -12.86
CA THR A 240 6.49 -2.56 -11.96
C THR A 240 5.91 -2.08 -10.64
N PRO A 241 6.37 -2.59 -9.50
CA PRO A 241 7.48 -3.51 -9.27
C PRO A 241 7.12 -5.01 -9.34
N GLY A 242 5.84 -5.34 -9.49
CA GLY A 242 5.41 -6.73 -9.46
C GLY A 242 5.51 -7.36 -8.08
N VAL A 243 5.20 -8.67 -8.05
CA VAL A 243 5.29 -9.42 -6.80
C VAL A 243 5.89 -10.78 -7.13
N LEU A 244 5.11 -11.63 -7.81
CA LEU A 244 5.63 -12.96 -8.19
C LEU A 244 6.71 -12.84 -9.26
N ILE A 245 6.67 -11.79 -10.07
CA ILE A 245 7.54 -11.64 -11.23
C ILE A 245 8.16 -10.24 -11.15
N PRO A 246 9.44 -10.09 -10.75
CA PRO A 246 10.06 -8.76 -10.84
C PRO A 246 10.31 -8.38 -12.28
N PRO A 247 10.36 -7.07 -12.59
CA PRO A 247 10.50 -6.66 -13.99
C PRO A 247 11.72 -7.22 -14.66
N ALA A 248 12.82 -7.47 -13.92
CA ALA A 248 14.00 -8.08 -14.52
C ALA A 248 13.72 -9.51 -14.96
N GLU A 249 12.97 -10.27 -14.16
CA GLU A 249 12.62 -11.64 -14.51
C GLU A 249 11.68 -11.70 -15.71
N ALA A 250 10.75 -10.76 -15.77
CA ALA A 250 9.83 -10.74 -16.90
C ALA A 250 10.57 -10.47 -18.20
N ALA A 251 11.52 -9.53 -18.18
CA ALA A 251 12.36 -9.29 -19.35
C ALA A 251 13.12 -10.54 -19.78
N ARG A 252 13.83 -11.15 -18.82
CA ARG A 252 14.61 -12.35 -19.13
C ARG A 252 13.74 -13.43 -19.74
N LEU A 253 12.56 -13.63 -19.18
CA LEU A 253 11.65 -14.63 -19.70
C LEU A 253 11.18 -14.28 -21.10
N ALA A 254 10.87 -13.02 -21.34
CA ALA A 254 10.34 -12.65 -22.64
C ALA A 254 11.38 -12.88 -23.72
N LYS A 255 12.65 -12.75 -23.38
CA LYS A 255 13.71 -13.01 -24.34
C LYS A 255 14.09 -14.48 -24.44
N SER A 256 13.76 -15.30 -23.43
CA SER A 256 14.16 -16.70 -23.48
C SER A 256 13.07 -17.64 -23.98
N LEU A 257 11.81 -17.38 -23.66
CA LEU A 257 10.73 -18.29 -24.06
C LEU A 257 10.45 -18.17 -25.55
N PRO A 258 10.31 -19.28 -26.27
CA PRO A 258 9.98 -19.21 -27.69
C PRO A 258 8.66 -18.50 -27.95
N ASN A 259 8.61 -17.79 -29.06
CA ASN A 259 7.31 -17.28 -29.58
C ASN A 259 6.55 -16.50 -28.53
N CYS A 260 7.27 -15.64 -27.81
CA CYS A 260 6.72 -14.90 -26.68
C CYS A 260 6.70 -13.41 -26.99
N LYS A 261 5.54 -12.78 -26.80
CA LYS A 261 5.43 -11.32 -26.82
C LYS A 261 5.23 -10.85 -25.39
N ALA A 262 5.91 -9.77 -25.00
CA ALA A 262 5.82 -9.25 -23.64
C ALA A 262 5.23 -7.85 -23.66
N VAL A 263 4.35 -7.56 -22.72
CA VAL A 263 3.70 -6.24 -22.64
C VAL A 263 3.88 -5.67 -21.23
N ASP A 264 4.56 -4.53 -21.16
CA ASP A 264 4.74 -3.77 -19.93
C ASP A 264 3.46 -3.00 -19.63
N ILE A 265 2.79 -3.29 -18.51
CA ILE A 265 1.51 -2.62 -18.29
C ILE A 265 1.64 -1.33 -17.50
N GLY A 266 2.84 -0.99 -17.05
CA GLY A 266 3.04 0.16 -16.22
C GLY A 266 3.11 -0.27 -14.77
N PRO A 267 2.69 0.62 -13.88
CA PRO A 267 2.62 0.27 -12.46
C PRO A 267 1.76 -0.97 -12.23
N GLY A 268 2.30 -1.91 -11.46
CA GLY A 268 1.53 -3.09 -11.12
C GLY A 268 2.21 -3.91 -10.05
N LEU A 269 1.42 -4.64 -9.25
CA LEU A 269 1.94 -5.48 -8.17
C LEU A 269 1.55 -6.91 -8.54
N ASN A 270 0.48 -7.45 -7.95
CA ASN A 270 0.05 -8.80 -8.35
C ASN A 270 -1.20 -8.79 -9.22
N LEU A 271 -2.21 -8.00 -8.88
CA LEU A 271 -3.48 -8.06 -9.62
C LEU A 271 -3.42 -7.09 -10.78
N LEU A 272 -2.67 -7.47 -11.82
CA LEU A 272 -2.39 -6.54 -12.92
C LEU A 272 -3.67 -6.14 -13.61
N GLN A 273 -4.69 -7.01 -13.62
CA GLN A 273 -5.98 -6.70 -14.21
C GLN A 273 -6.68 -5.55 -13.53
N GLU A 274 -6.35 -5.30 -12.26
CA GLU A 274 -6.96 -4.20 -11.52
C GLU A 274 -6.25 -2.88 -11.72
N ASP A 275 -5.04 -2.89 -12.27
CA ASP A 275 -4.32 -1.65 -12.54
C ASP A 275 -4.39 -1.19 -13.99
N ASN A 276 -4.38 -2.09 -14.98
CA ASN A 276 -4.49 -1.68 -16.39
C ASN A 276 -5.30 -2.69 -17.20
N PRO A 277 -6.59 -2.86 -16.87
CA PRO A 277 -7.43 -3.77 -17.66
C PRO A 277 -7.57 -3.37 -19.13
N ASP A 278 -7.60 -2.07 -19.45
CA ASP A 278 -7.80 -1.66 -20.84
C ASP A 278 -6.69 -2.20 -21.74
N LEU A 279 -5.43 -2.09 -21.28
CA LEU A 279 -4.30 -2.56 -22.08
C LEU A 279 -4.26 -4.08 -22.11
N ILE A 280 -4.51 -4.74 -20.97
CA ILE A 280 -4.45 -6.20 -20.94
C ILE A 280 -5.50 -6.78 -21.88
N GLY A 281 -6.74 -6.29 -21.78
CA GLY A 281 -7.79 -6.85 -22.61
C GLY A 281 -7.56 -6.55 -24.08
N SER A 282 -7.16 -5.31 -24.40
CA SER A 282 -6.99 -4.97 -25.81
CA SER A 282 -6.93 -4.91 -25.79
C SER A 282 -5.82 -5.72 -26.42
N GLU A 283 -4.76 -5.99 -25.65
CA GLU A 283 -3.61 -6.71 -26.17
C GLU A 283 -3.92 -8.20 -26.33
N ILE A 284 -4.73 -8.79 -25.45
CA ILE A 284 -5.13 -10.18 -25.69
C ILE A 284 -5.97 -10.26 -26.96
N ALA A 285 -6.92 -9.34 -27.13
CA ALA A 285 -7.72 -9.36 -28.36
C ALA A 285 -6.85 -9.27 -29.59
N ARG A 286 -5.88 -8.37 -29.58
CA ARG A 286 -5.04 -8.22 -30.78
C ARG A 286 -4.19 -9.47 -30.99
N TRP A 287 -3.63 -10.00 -29.90
CA TRP A 287 -2.80 -11.19 -30.04
C TRP A 287 -3.60 -12.38 -30.57
N LEU A 288 -4.84 -12.54 -30.09
CA LEU A 288 -5.65 -13.67 -30.54
C LEU A 288 -5.86 -13.65 -32.05
N SER A 289 -5.99 -12.44 -32.62
CA SER A 289 -6.19 -12.33 -34.05
C SER A 289 -4.98 -12.82 -34.85
N THR A 290 -3.82 -13.01 -34.20
CA THR A 290 -2.65 -13.50 -34.91
C THR A 290 -2.47 -15.01 -34.78
N LEU A 291 -3.33 -15.70 -34.03
CA LEU A 291 -3.15 -17.14 -33.82
C LEU A 291 -3.94 -17.92 -34.86
N GLU A 292 -3.53 -19.17 -35.08
CA GLU A 292 -4.29 -20.06 -35.96
C GLU A 292 -5.43 -20.75 -35.20
N ILE A 293 -6.47 -19.98 -34.89
CA ILE A 293 -7.55 -20.49 -34.05
C ILE A 293 -8.91 -20.29 -34.69
N GLY B 1 10.22 28.18 32.45
CA GLY B 1 9.06 27.55 31.85
C GLY B 1 9.45 26.48 30.85
N ILE B 2 8.81 26.51 29.67
CA ILE B 2 9.12 25.57 28.60
C ILE B 2 10.47 25.94 28.00
N GLY B 3 11.31 24.93 27.76
CA GLY B 3 12.66 25.20 27.28
C GLY B 3 12.67 25.83 25.91
N THR B 4 13.58 26.79 25.72
CA THR B 4 13.74 27.45 24.43
C THR B 4 14.99 27.03 23.68
N GLY B 5 15.91 26.26 24.33
CA GLY B 5 17.17 25.96 23.70
C GLY B 5 17.07 24.77 22.77
N PHE B 6 18.08 24.62 21.94
CA PHE B 6 18.21 23.48 21.04
C PHE B 6 19.62 22.92 21.21
N PRO B 7 19.83 22.10 22.24
CA PRO B 7 21.19 21.68 22.60
C PRO B 7 21.76 20.54 21.78
N PHE B 8 21.14 20.15 20.66
CA PHE B 8 21.50 18.91 19.98
C PHE B 8 22.63 19.14 18.97
N ASP B 9 23.66 18.30 19.03
CA ASP B 9 24.73 18.36 18.05
C ASP B 9 24.17 18.08 16.65
N PRO B 10 24.66 18.78 15.63
CA PRO B 10 24.18 18.53 14.27
C PRO B 10 24.74 17.23 13.69
N HIS B 11 23.87 16.52 13.00
CA HIS B 11 24.24 15.34 12.21
C HIS B 11 23.73 15.59 10.80
N TYR B 12 24.51 15.17 9.80
CA TYR B 12 24.18 15.43 8.40
C TYR B 12 24.34 14.14 7.60
N VAL B 13 23.47 13.95 6.61
CA VAL B 13 23.55 12.77 5.76
C VAL B 13 23.17 13.18 4.33
N GLU B 14 23.89 12.65 3.34
CA GLU B 14 23.58 12.98 1.95
C GLU B 14 22.45 12.11 1.46
N VAL B 15 21.46 12.75 0.85
CA VAL B 15 20.20 12.13 0.50
C VAL B 15 19.86 12.67 -0.88
N LEU B 16 19.87 11.81 -1.88
CA LEU B 16 19.46 12.21 -3.24
C LEU B 16 20.28 13.40 -3.72
N GLY B 17 21.57 13.41 -3.35
CA GLY B 17 22.44 14.49 -3.73
C GLY B 17 22.33 15.73 -2.87
N GLU B 18 21.49 15.73 -1.83
CA GLU B 18 21.30 16.89 -0.98
C GLU B 18 21.67 16.54 0.46
N ARG B 19 22.06 17.54 1.26
CA ARG B 19 22.39 17.29 2.68
C ARG B 19 21.16 17.51 3.56
N MET B 20 20.89 16.55 4.46
CA MET B 20 19.74 16.60 5.37
C MET B 20 20.31 16.65 6.79
N HIS B 21 19.77 17.51 7.64
CA HIS B 21 20.20 17.61 9.02
C HIS B 21 19.29 16.78 9.91
N TYR B 22 19.83 16.14 10.95
CA TYR B 22 18.93 15.47 11.85
C TYR B 22 19.51 15.44 13.26
N VAL B 23 18.60 15.34 14.24
CA VAL B 23 19.00 15.05 15.63
C VAL B 23 19.16 13.55 15.79
N ASP B 24 20.14 13.13 16.58
CA ASP B 24 20.35 11.71 16.82
C ASP B 24 20.92 11.59 18.22
N VAL B 25 20.07 11.23 19.17
CA VAL B 25 20.50 11.11 20.57
C VAL B 25 19.96 9.81 21.15
N GLY B 26 20.45 9.47 22.34
CA GLY B 26 19.93 8.30 23.01
C GLY B 26 20.81 7.10 22.72
N PRO B 27 20.51 5.98 23.38
CA PRO B 27 21.36 4.78 23.21
C PRO B 27 21.36 4.26 21.77
N ARG B 28 22.43 3.56 21.43
CA ARG B 28 22.67 3.18 20.05
C ARG B 28 21.95 1.91 19.64
N ASP B 29 21.56 1.06 20.57
CA ASP B 29 20.86 -0.14 20.19
C ASP B 29 19.36 0.10 20.35
N GLY B 30 18.60 -0.98 20.44
CA GLY B 30 17.15 -0.90 20.58
C GLY B 30 16.51 -0.47 19.28
N THR B 31 15.20 -0.48 19.30
CA THR B 31 14.41 0.12 18.23
C THR B 31 14.44 1.65 18.31
N PRO B 32 14.82 2.34 17.24
CA PRO B 32 14.86 3.81 17.31
C PRO B 32 13.47 4.39 17.14
N VAL B 33 13.35 5.63 17.64
CA VAL B 33 12.14 6.41 17.57
C VAL B 33 12.38 7.54 16.59
N LEU B 34 11.51 7.65 15.56
CA LEU B 34 11.69 8.56 14.44
C LEU B 34 10.66 9.68 14.53
N PHE B 35 11.13 10.90 14.78
CA PHE B 35 10.29 12.05 15.06
C PHE B 35 10.21 12.88 13.78
N LEU B 36 8.99 13.04 13.23
CA LEU B 36 8.78 13.80 11.99
C LEU B 36 7.93 15.05 12.25
N HIS B 37 8.52 16.22 12.00
CA HIS B 37 7.83 17.51 12.13
C HIS B 37 7.10 17.84 10.85
N GLY B 38 6.28 18.89 10.89
CA GLY B 38 5.51 19.36 9.75
C GLY B 38 5.74 20.83 9.50
N ASN B 39 4.67 21.51 8.94
CA ASN B 39 4.74 22.92 8.54
C ASN B 39 4.32 23.83 9.68
N PRO B 40 5.06 24.92 9.97
CA PRO B 40 6.28 25.48 9.38
C PRO B 40 7.47 25.27 10.34
N THR B 41 7.60 24.05 10.86
CA THR B 41 8.54 23.83 11.98
C THR B 41 9.80 23.11 11.51
N SER B 42 10.48 22.47 12.46
CA SER B 42 11.73 21.73 12.21
C SER B 42 11.88 20.77 13.37
N SER B 43 13.03 20.07 13.44
CA SER B 43 13.26 19.27 14.64
C SER B 43 13.20 20.09 15.92
N TYR B 44 13.25 21.42 15.83
CA TYR B 44 13.09 22.30 16.98
C TYR B 44 11.78 22.05 17.71
N VAL B 45 10.73 21.67 16.98
CA VAL B 45 9.44 21.41 17.61
C VAL B 45 9.49 20.23 18.57
N TRP B 46 10.48 19.33 18.43
CA TRP B 46 10.57 18.16 19.29
C TRP B 46 11.50 18.37 20.46
N ARG B 47 12.09 19.57 20.60
CA ARG B 47 13.20 19.76 21.52
C ARG B 47 12.86 19.46 22.97
N ASN B 48 11.60 19.60 23.37
CA ASN B 48 11.20 19.31 24.73
C ASN B 48 10.43 18.01 24.86
N ILE B 49 10.30 17.25 23.77
CA ILE B 49 9.72 15.92 23.80
C ILE B 49 10.80 14.88 23.89
N ILE B 50 11.81 15.04 23.06
CA ILE B 50 12.92 14.11 22.93
C ILE B 50 13.57 13.80 24.29
N PRO B 51 13.81 14.78 25.17
CA PRO B 51 14.49 14.45 26.46
C PRO B 51 13.73 13.52 27.37
N HIS B 52 12.44 13.30 27.12
CA HIS B 52 11.70 12.31 27.91
C HIS B 52 11.95 10.90 27.42
N VAL B 53 12.39 10.78 26.18
CA VAL B 53 12.50 9.48 25.51
C VAL B 53 13.95 9.05 25.35
N ALA B 54 14.86 9.99 25.14
CA ALA B 54 16.28 9.77 24.93
C ALA B 54 17.02 9.05 26.09
N PRO B 55 16.51 9.03 27.33
CA PRO B 55 17.22 8.21 28.34
C PRO B 55 17.30 6.75 27.93
N THR B 56 16.25 6.23 27.29
CA THR B 56 16.20 4.78 27.06
C THR B 56 15.95 4.38 25.60
N HIS B 57 15.76 5.34 24.68
CA HIS B 57 15.55 5.00 23.27
C HIS B 57 16.32 5.97 22.40
N ARG B 58 16.89 5.45 21.32
CA ARG B 58 17.45 6.31 20.29
C ARG B 58 16.35 7.17 19.68
N CYS B 59 16.59 8.47 19.58
CA CYS B 59 15.68 9.44 19.00
C CYS B 59 16.36 10.04 17.77
N ILE B 60 15.69 9.96 16.62
CA ILE B 60 16.17 10.52 15.35
C ILE B 60 15.11 11.53 14.92
N ALA B 61 15.51 12.78 14.68
CA ALA B 61 14.56 13.81 14.28
C ALA B 61 15.14 14.56 13.10
N PRO B 62 14.75 14.20 11.86
CA PRO B 62 15.26 14.93 10.70
C PRO B 62 14.57 16.27 10.49
N ASP B 63 15.26 17.14 9.79
CA ASP B 63 14.63 18.33 9.25
C ASP B 63 14.21 17.97 7.83
N LEU B 64 12.92 18.18 7.51
CA LEU B 64 12.48 17.88 6.15
C LEU B 64 13.27 18.68 5.14
N ILE B 65 13.40 18.14 3.93
CA ILE B 65 14.12 18.86 2.87
C ILE B 65 13.50 20.24 2.71
N GLY B 66 14.35 21.24 2.53
CA GLY B 66 13.87 22.61 2.43
C GLY B 66 13.62 23.30 3.75
N MET B 67 13.81 22.62 4.88
CA MET B 67 13.41 23.17 6.16
C MET B 67 14.51 22.96 7.19
N GLY B 68 14.37 23.65 8.32
CA GLY B 68 15.37 23.59 9.37
C GLY B 68 16.77 23.86 8.82
N LYS B 69 17.69 22.97 9.18
CA LYS B 69 19.08 23.01 8.77
C LYS B 69 19.38 22.12 7.58
N SER B 70 18.37 21.45 7.02
CA SER B 70 18.55 20.74 5.77
C SER B 70 18.72 21.69 4.57
N ASP B 71 19.28 21.12 3.51
CA ASP B 71 19.54 21.85 2.27
C ASP B 71 18.23 22.30 1.64
N LYS B 72 18.33 23.29 0.76
CA LYS B 72 17.15 23.96 0.21
C LYS B 72 17.21 23.92 -1.32
N PRO B 73 17.08 22.75 -1.91
CA PRO B 73 17.15 22.67 -3.38
C PRO B 73 15.92 23.25 -4.06
N ASP B 74 16.09 23.53 -5.34
CA ASP B 74 15.07 24.04 -6.25
C ASP B 74 14.05 22.95 -6.56
N LEU B 75 13.09 22.78 -5.67
CA LEU B 75 12.02 21.82 -5.85
C LEU B 75 10.68 22.56 -5.81
N GLY B 76 9.63 21.85 -6.20
CA GLY B 76 8.30 22.36 -5.92
C GLY B 76 7.89 22.18 -4.48
N TYR B 77 8.56 21.29 -3.76
CA TYR B 77 8.26 20.97 -2.38
C TYR B 77 6.84 20.42 -2.27
N PHE B 78 6.42 19.69 -3.30
CA PHE B 78 5.19 18.91 -3.23
C PHE B 78 5.33 17.79 -2.19
N PHE B 79 4.19 17.24 -1.78
CA PHE B 79 4.27 16.15 -0.83
C PHE B 79 5.09 15.02 -1.43
N ASP B 80 4.98 14.82 -2.76
CA ASP B 80 5.74 13.76 -3.41
C ASP B 80 7.24 13.97 -3.27
N ASP B 81 7.69 15.23 -3.26
CA ASP B 81 9.13 15.51 -3.08
C ASP B 81 9.55 15.14 -1.67
N HIS B 82 8.71 15.49 -0.68
CA HIS B 82 9.02 15.10 0.68
C HIS B 82 9.01 13.58 0.84
N VAL B 83 8.07 12.88 0.21
CA VAL B 83 8.08 11.39 0.28
C VAL B 83 9.40 10.87 -0.25
N ARG B 84 9.83 11.37 -1.40
CA ARG B 84 11.06 10.85 -2.01
C ARG B 84 12.24 11.05 -1.07
N PHE B 85 12.37 12.26 -0.51
CA PHE B 85 13.51 12.53 0.35
C PHE B 85 13.41 11.79 1.66
N MET B 86 12.21 11.63 2.22
CA MET B 86 12.16 10.98 3.53
C MET B 86 12.40 9.47 3.36
N ASP B 87 11.89 8.89 2.27
CA ASP B 87 12.20 7.50 1.94
C ASP B 87 13.71 7.28 1.91
N ALA B 88 14.41 8.19 1.22
CA ALA B 88 15.85 8.07 1.06
C ALA B 88 16.60 8.33 2.35
N PHE B 89 16.12 9.26 3.18
CA PHE B 89 16.73 9.47 4.50
C PHE B 89 16.67 8.20 5.34
N ILE B 90 15.48 7.62 5.47
CA ILE B 90 15.34 6.41 6.26
C ILE B 90 16.30 5.32 5.76
N GLU B 91 16.41 5.16 4.46
CA GLU B 91 17.33 4.19 3.87
C GLU B 91 18.79 4.54 4.14
N ALA B 92 19.13 5.82 3.99
CA ALA B 92 20.51 6.32 4.21
C ALA B 92 21.01 6.05 5.64
N LEU B 93 20.13 6.09 6.63
CA LEU B 93 20.49 5.78 7.99
C LEU B 93 20.43 4.29 8.27
N GLY B 94 20.02 3.51 7.27
CA GLY B 94 19.95 2.08 7.44
C GLY B 94 18.97 1.66 8.52
N LEU B 95 17.88 2.40 8.69
CA LEU B 95 16.91 1.99 9.71
C LEU B 95 16.16 0.74 9.25
N GLU B 96 15.90 -0.15 10.22
CA GLU B 96 15.13 -1.36 9.95
C GLU B 96 13.75 -1.15 10.56
N GLU B 97 13.51 -1.58 11.79
CA GLU B 97 12.24 -1.37 12.46
C GLU B 97 12.27 -0.06 13.24
N VAL B 98 11.15 0.67 13.26
CA VAL B 98 11.09 1.96 13.95
C VAL B 98 9.76 2.09 14.69
N VAL B 99 9.73 3.04 15.63
CA VAL B 99 8.50 3.60 16.18
C VAL B 99 8.44 5.02 15.66
N LEU B 100 7.29 5.42 15.12
CA LEU B 100 7.10 6.79 14.61
C LEU B 100 6.44 7.71 15.64
N VAL B 101 6.95 8.93 15.74
CA VAL B 101 6.28 10.03 16.47
C VAL B 101 6.12 11.18 15.49
N ILE B 102 4.86 11.52 15.12
CA ILE B 102 4.63 12.29 13.89
C ILE B 102 3.57 13.38 14.13
N HIS B 103 3.72 14.49 13.40
CA HIS B 103 2.93 15.72 13.56
C HIS B 103 2.72 16.37 12.21
N ASP B 104 1.51 16.84 11.98
CA ASP B 104 1.21 17.77 10.87
C ASP B 104 1.65 17.09 9.57
N TRP B 105 2.40 17.76 8.67
CA TRP B 105 2.80 17.04 7.46
C TRP B 105 3.75 15.89 7.75
N GLY B 106 4.40 15.90 8.91
CA GLY B 106 5.21 14.75 9.27
C GLY B 106 4.39 13.49 9.43
N SER B 107 3.14 13.65 9.86
CA SER B 107 2.24 12.52 10.02
C SER B 107 1.82 11.96 8.67
N ALA B 108 1.60 12.81 7.66
CA ALA B 108 1.30 12.25 6.35
C ALA B 108 2.47 11.43 5.86
N LEU B 109 3.68 11.96 5.96
CA LEU B 109 4.87 11.21 5.59
C LEU B 109 4.97 9.92 6.38
N GLY B 110 4.72 9.99 7.69
CA GLY B 110 4.91 8.82 8.53
C GLY B 110 3.85 7.76 8.26
N PHE B 111 2.58 8.20 8.12
CA PHE B 111 1.49 7.24 7.87
C PHE B 111 1.64 6.61 6.49
N HIS B 112 2.08 7.39 5.50
CA HIS B 112 2.22 6.87 4.14
C HIS B 112 3.38 5.87 4.05
N TRP B 113 4.48 6.14 4.77
CA TRP B 113 5.59 5.19 4.84
C TRP B 113 5.16 3.92 5.56
N ALA B 114 4.41 4.06 6.65
CA ALA B 114 4.00 2.90 7.44
C ALA B 114 3.02 2.04 6.66
N LYS B 115 2.08 2.66 5.95
CA LYS B 115 1.17 1.88 5.09
C LYS B 115 1.95 1.08 4.07
N ARG B 116 3.03 1.63 3.56
CA ARG B 116 3.79 0.94 2.53
C ARG B 116 4.77 -0.08 3.12
N ASN B 117 5.15 0.10 4.38
CA ASN B 117 6.15 -0.75 5.05
C ASN B 117 5.66 -1.17 6.42
N PRO B 118 4.50 -1.82 6.50
CA PRO B 118 3.93 -2.08 7.84
C PRO B 118 4.74 -3.05 8.69
N GLU B 119 5.54 -3.95 8.09
CA GLU B 119 6.38 -4.84 8.88
C GLU B 119 7.47 -4.10 9.65
N ARG B 120 7.73 -2.83 9.34
CA ARG B 120 8.81 -2.13 10.01
C ARG B 120 8.33 -1.12 11.05
N VAL B 121 7.03 -0.99 11.27
CA VAL B 121 6.49 0.04 12.15
C VAL B 121 5.92 -0.64 13.39
N LYS B 122 6.61 -0.47 14.53
CA LYS B 122 6.24 -1.12 15.76
C LYS B 122 5.29 -0.31 16.62
N GLY B 123 5.02 0.94 16.22
CA GLY B 123 4.03 1.77 16.88
C GLY B 123 4.05 3.15 16.25
N ILE B 124 2.95 3.88 16.44
CA ILE B 124 2.79 5.23 15.91
C ILE B 124 2.17 6.15 16.95
N ALA B 125 2.93 7.15 17.40
CA ALA B 125 2.38 8.25 18.20
C ALA B 125 2.15 9.43 17.25
N PHE B 126 0.97 10.04 17.34
CA PHE B 126 0.64 11.09 16.37
C PHE B 126 -0.26 12.12 17.02
N MET B 127 -0.27 13.31 16.42
CA MET B 127 -0.98 14.46 16.99
C MET B 127 -1.21 15.43 15.85
N GLU B 128 -2.33 16.16 15.92
CA GLU B 128 -2.66 17.17 14.91
C GLU B 128 -2.16 16.76 13.53
N PHE B 129 -2.71 15.65 13.03
CA PHE B 129 -2.22 14.92 11.87
C PHE B 129 -3.05 15.20 10.61
N ILE B 130 -2.52 14.78 9.46
CA ILE B 130 -3.20 15.08 8.19
C ILE B 130 -4.26 14.02 7.94
N ARG B 131 -5.49 14.47 7.75
CA ARG B 131 -6.66 13.63 7.49
C ARG B 131 -7.40 14.28 6.33
N PRO B 132 -8.20 13.52 5.63
CA PRO B 132 -9.01 14.15 4.59
C PRO B 132 -10.14 14.94 5.23
N ILE B 133 -10.13 16.26 5.17
CA ILE B 133 -11.12 17.08 5.84
C ILE B 133 -12.33 17.22 4.92
N PRO B 134 -13.51 16.77 5.33
CA PRO B 134 -14.62 16.70 4.37
C PRO B 134 -15.09 18.05 3.83
N THR B 135 -15.09 19.10 4.64
CA THR B 135 -15.56 20.41 4.18
CA THR B 135 -15.61 20.40 4.24
C THR B 135 -14.81 21.50 4.91
N TRP B 136 -14.83 22.70 4.31
CA TRP B 136 -14.24 23.87 4.98
C TRP B 136 -14.99 24.23 6.25
N ASP B 137 -16.21 23.75 6.40
CA ASP B 137 -16.94 24.01 7.63
C ASP B 137 -16.28 23.33 8.82
N GLU B 138 -15.37 22.37 8.58
CA GLU B 138 -14.63 21.73 9.65
C GLU B 138 -13.33 22.45 9.98
N TRP B 139 -12.95 23.40 9.19
CA TRP B 139 -11.75 24.17 9.48
C TRP B 139 -12.09 25.26 10.49
N PRO B 140 -11.21 25.56 11.45
CA PRO B 140 -11.54 26.56 12.48
C PRO B 140 -12.01 27.86 11.85
N GLU B 141 -13.16 28.34 12.32
CA GLU B 141 -13.74 29.52 11.71
C GLU B 141 -12.79 30.72 11.73
N PHE B 142 -11.97 30.86 12.80
CA PHE B 142 -11.12 32.05 12.92
C PHE B 142 -9.99 32.07 11.90
N ALA B 143 -9.74 30.97 11.22
CA ALA B 143 -8.62 30.81 10.30
C ALA B 143 -9.07 30.47 8.88
N ARG B 144 -10.36 30.48 8.60
CA ARG B 144 -10.86 29.91 7.35
C ARG B 144 -10.60 30.79 6.13
N GLU B 145 -10.90 32.10 6.21
CA GLU B 145 -10.70 32.92 5.01
C GLU B 145 -9.22 33.00 4.67
N THR B 146 -8.35 32.90 5.68
CA THR B 146 -6.94 33.07 5.38
C THR B 146 -6.38 31.80 4.73
N PHE B 147 -6.74 30.64 5.26
CA PHE B 147 -6.25 29.40 4.64
C PHE B 147 -6.82 29.22 3.24
N GLN B 148 -8.02 29.74 2.97
CA GLN B 148 -8.53 29.72 1.61
C GLN B 148 -7.70 30.65 0.72
N ALA B 149 -7.31 31.83 1.25
CA ALA B 149 -6.43 32.73 0.51
C ALA B 149 -5.06 32.11 0.26
N PHE B 150 -4.55 31.33 1.23
CA PHE B 150 -3.24 30.72 1.06
C PHE B 150 -3.20 29.82 -0.18
N ARG B 151 -4.33 29.24 -0.55
CA ARG B 151 -4.40 28.26 -1.65
C ARG B 151 -4.67 28.92 -3.01
N THR B 152 -3.91 29.98 -3.31
CA THR B 152 -3.92 30.67 -4.59
C THR B 152 -2.48 31.06 -4.85
N THR B 153 -2.17 31.34 -6.11
CA THR B 153 -0.82 31.74 -6.48
C THR B 153 -0.61 33.23 -6.43
N ASP B 154 -1.65 34.01 -6.15
CA ASP B 154 -1.48 35.45 -6.09
C ASP B 154 -1.48 35.94 -4.65
N VAL B 155 -2.65 35.99 -4.02
CA VAL B 155 -2.68 36.47 -2.63
C VAL B 155 -1.93 35.49 -1.73
N GLY B 156 -2.05 34.19 -2.00
CA GLY B 156 -1.40 33.21 -1.13
C GLY B 156 0.12 33.35 -1.13
N ARG B 157 0.71 33.57 -2.29
CA ARG B 157 2.16 33.74 -2.33
C ARG B 157 2.58 35.10 -1.77
N LYS B 158 1.78 36.15 -1.99
CA LYS B 158 2.11 37.45 -1.39
C LYS B 158 2.16 37.33 0.12
N LEU B 159 1.14 36.68 0.72
CA LEU B 159 1.13 36.50 2.16
C LEU B 159 2.27 35.60 2.64
N ILE B 160 2.44 34.41 2.06
CA ILE B 160 3.38 33.47 2.70
C ILE B 160 4.82 33.73 2.28
N ILE B 161 5.05 34.00 1.01
CA ILE B 161 6.41 34.15 0.47
C ILE B 161 6.92 35.56 0.66
N ASP B 162 6.13 36.53 0.22
CA ASP B 162 6.60 37.91 0.25
C ASP B 162 6.55 38.52 1.64
N GLN B 163 5.49 38.25 2.40
CA GLN B 163 5.28 38.91 3.67
C GLN B 163 5.56 38.02 4.89
N ASN B 164 5.87 36.74 4.66
CA ASN B 164 6.23 35.77 5.71
C ASN B 164 5.12 35.58 6.75
N VAL B 165 3.85 35.67 6.32
CA VAL B 165 2.74 35.60 7.27
C VAL B 165 2.63 34.23 7.94
N PHE B 166 3.02 33.16 7.26
CA PHE B 166 2.94 31.86 7.91
C PHE B 166 3.86 31.79 9.14
N ILE B 167 5.02 32.45 9.09
CA ILE B 167 5.92 32.41 10.24
C ILE B 167 5.52 33.44 11.29
N GLU B 168 5.23 34.68 10.84
CA GLU B 168 4.98 35.78 11.79
C GLU B 168 3.58 35.74 12.38
N GLY B 169 2.63 35.14 11.67
CA GLY B 169 1.26 35.13 12.13
C GLY B 169 0.64 33.78 12.34
N THR B 170 0.66 32.95 11.30
CA THR B 170 -0.03 31.66 11.42
C THR B 170 0.59 30.80 12.50
N LEU B 171 1.91 30.80 12.60
CA LEU B 171 2.58 29.96 13.58
C LEU B 171 2.20 30.33 14.99
N PRO B 172 2.29 31.61 15.43
CA PRO B 172 1.86 31.90 16.80
C PRO B 172 0.40 31.61 16.99
N MET B 173 -0.42 31.76 15.95
CA MET B 173 -1.86 31.52 15.98
C MET B 173 -2.16 30.02 16.08
N GLY B 174 -1.13 29.17 15.96
CA GLY B 174 -1.23 27.72 16.15
C GLY B 174 -0.75 27.21 17.49
N VAL B 175 -0.50 28.10 18.46
CA VAL B 175 -0.04 27.75 19.80
C VAL B 175 -0.90 28.54 20.77
N VAL B 176 -1.41 27.87 21.82
CA VAL B 176 -2.26 28.59 22.77
C VAL B 176 -1.44 29.57 23.59
N ARG B 177 -0.37 29.11 24.21
CA ARG B 177 0.46 30.00 25.00
C ARG B 177 1.31 30.87 24.10
N PRO B 178 1.80 32.01 24.60
CA PRO B 178 2.63 32.88 23.76
C PRO B 178 4.05 32.32 23.56
N LEU B 179 4.52 32.40 22.32
CA LEU B 179 5.90 32.03 22.00
C LEU B 179 6.84 33.18 22.37
N THR B 180 7.99 32.85 22.93
CA THR B 180 8.97 33.87 23.27
C THR B 180 9.73 34.30 22.01
N GLU B 181 10.42 35.44 22.13
CA GLU B 181 11.26 35.93 21.02
C GLU B 181 12.36 34.93 20.64
N VAL B 182 12.95 34.26 21.63
CA VAL B 182 13.96 33.26 21.31
C VAL B 182 13.34 32.13 20.47
N GLU B 183 12.13 31.68 20.83
CA GLU B 183 11.49 30.59 20.10
C GLU B 183 11.14 31.02 18.67
N MET B 184 10.56 32.23 18.53
CA MET B 184 10.26 32.80 17.23
C MET B 184 11.50 32.89 16.35
N ASP B 185 12.62 33.28 16.93
CA ASP B 185 13.83 33.40 16.14
C ASP B 185 14.31 32.04 15.63
N HIS B 186 14.17 31.00 16.46
CA HIS B 186 14.44 29.64 16.00
C HIS B 186 13.56 29.26 14.81
N TYR B 187 12.27 29.56 14.89
CA TYR B 187 11.37 29.21 13.80
C TYR B 187 11.60 30.08 12.57
N ARG B 188 12.05 31.32 12.76
CA ARG B 188 12.33 32.23 11.65
C ARG B 188 13.60 31.83 10.90
N GLU B 189 14.59 31.28 11.59
CA GLU B 189 15.94 31.15 11.02
C GLU B 189 15.99 30.46 9.65
N PRO B 190 15.27 29.36 9.41
CA PRO B 190 15.38 28.72 8.08
C PRO B 190 14.80 29.56 6.96
N PHE B 191 14.06 30.62 7.25
CA PHE B 191 13.20 31.25 6.25
C PHE B 191 13.49 32.74 6.12
N LEU B 192 14.67 33.18 6.59
CA LEU B 192 15.00 34.61 6.55
C LEU B 192 15.04 35.13 5.11
N ASN B 193 15.43 34.29 4.16
CA ASN B 193 15.41 34.68 2.76
C ASN B 193 14.08 34.29 2.13
N PRO B 194 13.36 35.24 1.52
CA PRO B 194 12.05 34.91 0.93
C PRO B 194 12.08 33.79 -0.11
N VAL B 195 13.15 33.68 -0.91
CA VAL B 195 13.19 32.64 -1.93
C VAL B 195 13.16 31.24 -1.32
N ASP B 196 13.44 31.12 -0.02
CA ASP B 196 13.47 29.84 0.68
C ASP B 196 12.13 29.46 1.29
N ARG B 197 11.06 30.20 0.97
CA ARG B 197 9.79 29.97 1.64
C ARG B 197 8.81 29.14 0.82
N GLU B 198 9.23 28.60 -0.33
CA GLU B 198 8.34 27.73 -1.08
C GLU B 198 7.65 26.65 -0.25
N PRO B 199 8.33 25.86 0.61
CA PRO B 199 7.58 24.80 1.33
C PRO B 199 6.46 25.35 2.18
N LEU B 200 6.63 26.55 2.72
CA LEU B 200 5.63 27.11 3.61
C LEU B 200 4.33 27.37 2.86
N TRP B 201 4.44 27.69 1.58
CA TRP B 201 3.26 27.91 0.76
C TRP B 201 2.75 26.62 0.10
N ARG B 202 3.64 25.74 -0.35
CA ARG B 202 3.14 24.51 -0.98
C ARG B 202 2.39 23.61 0.01
N PHE B 203 2.90 23.45 1.24
CA PHE B 203 2.20 22.63 2.23
C PHE B 203 0.71 22.96 2.42
N PRO B 204 0.28 24.20 2.68
CA PRO B 204 -1.18 24.43 2.78
C PRO B 204 -1.89 24.20 1.46
N ASN B 205 -1.20 24.32 0.33
CA ASN B 205 -1.78 23.99 -0.96
C ASN B 205 -1.89 22.49 -1.21
N GLU B 206 -1.22 21.63 -0.43
CA GLU B 206 -1.41 20.19 -0.57
C GLU B 206 -2.48 19.66 0.41
N LEU B 207 -2.91 20.50 1.36
CA LEU B 207 -3.85 20.10 2.41
C LEU B 207 -5.09 19.49 1.78
N PRO B 208 -5.46 18.25 2.12
CA PRO B 208 -6.61 17.63 1.47
C PRO B 208 -7.92 18.03 2.15
N ILE B 209 -8.63 18.98 1.56
CA ILE B 209 -9.85 19.51 2.19
C ILE B 209 -10.88 19.77 1.10
N ALA B 210 -12.13 19.41 1.40
CA ALA B 210 -13.23 19.52 0.46
C ALA B 210 -12.88 18.88 -0.89
N GLY B 211 -12.11 17.80 -0.85
CA GLY B 211 -11.82 17.01 -2.03
C GLY B 211 -10.66 17.51 -2.86
N GLU B 212 -10.00 18.57 -2.44
CA GLU B 212 -8.92 19.22 -3.18
C GLU B 212 -7.64 19.21 -2.36
N PRO B 213 -6.47 18.88 -2.95
CA PRO B 213 -6.26 18.34 -4.28
C PRO B 213 -6.58 16.87 -4.33
N ALA B 214 -7.19 16.43 -5.43
CA ALA B 214 -7.78 15.10 -5.47
C ALA B 214 -6.76 13.98 -5.25
N ASN B 215 -5.53 14.16 -5.75
CA ASN B 215 -4.51 13.13 -5.59
C ASN B 215 -4.07 12.97 -4.14
N ILE B 216 -3.96 14.08 -3.41
CA ILE B 216 -3.57 13.98 -2.01
C ILE B 216 -4.72 13.39 -1.22
N VAL B 217 -5.94 13.81 -1.54
CA VAL B 217 -7.09 13.24 -0.86
C VAL B 217 -7.06 11.72 -0.99
N ALA B 218 -6.77 11.22 -2.19
CA ALA B 218 -6.80 9.79 -2.42
C ALA B 218 -5.69 9.11 -1.63
N LEU B 219 -4.52 9.73 -1.56
CA LEU B 219 -3.40 9.13 -0.83
C LEU B 219 -3.69 9.08 0.65
N VAL B 220 -4.21 10.19 1.21
CA VAL B 220 -4.49 10.20 2.62
C VAL B 220 -5.62 9.24 2.98
N GLU B 221 -6.63 9.15 2.12
CA GLU B 221 -7.69 8.18 2.38
C GLU B 221 -7.14 6.76 2.37
N GLU B 222 -6.11 6.52 1.60
CA GLU B 222 -5.54 5.17 1.56
C GLU B 222 -4.87 4.83 2.89
N TYR B 223 -4.11 5.77 3.49
CA TYR B 223 -3.52 5.41 4.77
C TYR B 223 -4.51 5.43 5.94
N MET B 224 -5.51 6.30 5.90
CA MET B 224 -6.63 6.16 6.84
C MET B 224 -7.28 4.79 6.76
N ASP B 225 -7.51 4.28 5.55
CA ASP B 225 -8.12 2.95 5.44
C ASP B 225 -7.27 1.92 6.17
N TRP B 226 -5.96 1.97 5.95
CA TRP B 226 -5.04 1.07 6.64
C TRP B 226 -5.12 1.27 8.13
N LEU B 227 -5.11 2.53 8.59
CA LEU B 227 -5.11 2.77 10.02
C LEU B 227 -6.37 2.22 10.68
N HIS B 228 -7.50 2.25 9.97
CA HIS B 228 -8.74 1.74 10.56
C HIS B 228 -8.77 0.22 10.71
N GLN B 229 -7.85 -0.52 10.07
CA GLN B 229 -7.75 -1.97 10.16
C GLN B 229 -6.53 -2.48 10.91
N SER B 230 -5.38 -1.84 10.69
CA SER B 230 -4.10 -2.36 11.15
C SER B 230 -4.07 -2.48 12.68
N PRO B 231 -3.46 -3.54 13.20
CA PRO B 231 -3.28 -3.70 14.64
C PRO B 231 -2.13 -2.88 15.21
N VAL B 232 -1.44 -2.09 14.38
CA VAL B 232 -0.26 -1.38 14.85
C VAL B 232 -0.58 -0.56 16.11
N PRO B 233 0.25 -0.55 17.15
CA PRO B 233 -0.06 0.25 18.34
C PRO B 233 -0.13 1.75 18.04
N LYS B 234 -1.18 2.41 18.56
CA LYS B 234 -1.42 3.82 18.23
C LYS B 234 -1.66 4.66 19.47
N LEU B 235 -1.02 5.83 19.50
CA LEU B 235 -1.14 6.79 20.57
C LEU B 235 -1.50 8.15 19.95
N LEU B 236 -2.67 8.66 20.28
CA LEU B 236 -3.18 9.91 19.69
C LEU B 236 -3.22 11.01 20.74
N PHE B 237 -2.48 12.09 20.53
CA PHE B 237 -2.60 13.28 21.38
C PHE B 237 -3.55 14.28 20.75
N TRP B 238 -4.37 14.93 21.59
CA TRP B 238 -5.31 15.92 21.06
C TRP B 238 -5.48 17.04 22.07
N GLY B 239 -5.89 18.19 21.56
CA GLY B 239 -6.09 19.34 22.41
C GLY B 239 -7.39 20.06 22.05
N THR B 240 -7.76 21.01 22.91
CA THR B 240 -8.98 21.80 22.65
C THR B 240 -8.61 23.26 22.39
N PRO B 241 -9.04 23.87 21.29
CA PRO B 241 -9.97 23.33 20.28
C PRO B 241 -9.34 22.57 19.11
N GLY B 242 -8.00 22.49 19.05
CA GLY B 242 -7.32 21.90 17.91
C GLY B 242 -7.47 22.75 16.64
N VAL B 243 -6.92 22.23 15.54
CA VAL B 243 -7.01 22.85 14.21
C VAL B 243 -7.27 21.73 13.20
N LEU B 244 -6.23 20.90 12.92
CA LEU B 244 -6.44 19.77 12.01
C LEU B 244 -7.39 18.73 12.59
N ILE B 245 -7.44 18.60 13.92
CA ILE B 245 -8.18 17.53 14.58
C ILE B 245 -9.10 18.12 15.66
N PRO B 246 -10.39 18.32 15.37
CA PRO B 246 -11.33 18.74 16.43
C PRO B 246 -11.44 17.69 17.52
N PRO B 247 -11.75 18.10 18.76
CA PRO B 247 -11.93 17.11 19.83
C PRO B 247 -12.94 16.02 19.49
N ALA B 248 -14.03 16.35 18.79
CA ALA B 248 -14.98 15.31 18.41
C ALA B 248 -14.37 14.28 17.47
N GLU B 249 -13.44 14.72 16.60
CA GLU B 249 -12.77 13.81 15.68
C GLU B 249 -11.75 12.92 16.41
N ALA B 250 -10.98 13.51 17.32
CA ALA B 250 -10.10 12.68 18.14
C ALA B 250 -10.88 11.59 18.88
N ALA B 251 -12.05 11.95 19.42
CA ALA B 251 -12.83 10.94 20.15
C ALA B 251 -13.33 9.86 19.20
N ARG B 252 -13.80 10.25 18.01
CA ARG B 252 -14.24 9.26 17.03
C ARG B 252 -13.09 8.29 16.68
N LEU B 253 -11.92 8.85 16.41
CA LEU B 253 -10.79 8.02 16.03
C LEU B 253 -10.29 7.16 17.19
N ALA B 254 -10.33 7.67 18.43
CA ALA B 254 -9.84 6.85 19.54
C ALA B 254 -10.63 5.56 19.68
N LYS B 255 -11.90 5.56 19.28
CA LYS B 255 -12.69 4.33 19.34
C LYS B 255 -12.63 3.54 18.04
N SER B 256 -12.46 4.24 16.91
CA SER B 256 -12.53 3.61 15.61
C SER B 256 -11.24 2.89 15.23
N LEU B 257 -10.08 3.48 15.54
CA LEU B 257 -8.82 2.84 15.15
C LEU B 257 -8.47 1.72 16.14
N PRO B 258 -8.07 0.56 15.66
CA PRO B 258 -7.67 -0.53 16.57
C PRO B 258 -6.48 -0.14 17.42
N ASN B 259 -6.46 -0.66 18.66
CA ASN B 259 -5.28 -0.56 19.55
C ASN B 259 -4.79 0.87 19.67
N CYS B 260 -5.73 1.80 19.86
CA CYS B 260 -5.47 3.23 19.89
C CYS B 260 -5.87 3.78 21.24
N LYS B 261 -4.94 4.42 21.94
CA LYS B 261 -5.25 5.18 23.15
C LYS B 261 -5.07 6.65 22.87
N ALA B 262 -5.98 7.48 23.38
CA ALA B 262 -5.92 8.92 23.15
C ALA B 262 -5.64 9.64 24.46
N VAL B 263 -4.81 10.68 24.38
CA VAL B 263 -4.40 11.50 25.52
C VAL B 263 -4.82 12.95 25.27
N ASP B 264 -5.61 13.49 26.18
CA ASP B 264 -6.06 14.89 26.11
C ASP B 264 -4.97 15.78 26.72
N ILE B 265 -4.39 16.68 25.92
CA ILE B 265 -3.27 17.47 26.45
C ILE B 265 -3.74 18.77 27.06
N GLY B 266 -5.03 19.07 27.04
CA GLY B 266 -5.53 20.34 27.54
C GLY B 266 -5.70 21.30 26.38
N PRO B 267 -5.62 22.59 26.69
CA PRO B 267 -5.67 23.62 25.63
C PRO B 267 -4.59 23.38 24.59
N GLY B 268 -5.01 23.39 23.32
CA GLY B 268 -4.07 23.14 22.24
C GLY B 268 -4.68 23.55 20.92
N LEU B 269 -3.84 23.96 19.96
CA LEU B 269 -4.28 24.30 18.61
C LEU B 269 -3.60 23.36 17.62
N ASN B 270 -2.53 23.79 16.96
CA ASN B 270 -1.79 22.87 16.10
C ASN B 270 -0.49 22.38 16.75
N LEU B 271 0.34 23.28 17.27
CA LEU B 271 1.65 22.86 17.80
C LEU B 271 1.50 22.41 19.25
N LEU B 272 0.96 21.20 19.40
CA LEU B 272 0.64 20.70 20.74
C LEU B 272 1.89 20.51 21.57
N GLN B 273 3.02 20.29 20.93
CA GLN B 273 4.30 20.14 21.65
C GLN B 273 4.70 21.47 22.31
N GLU B 274 4.21 22.57 21.79
CA GLU B 274 4.51 23.86 22.38
C GLU B 274 3.59 24.20 23.53
N ASP B 275 2.45 23.52 23.65
CA ASP B 275 1.52 23.81 24.74
C ASP B 275 1.65 22.84 25.92
N ASN B 276 1.96 21.54 25.73
CA ASN B 276 2.13 20.65 26.87
C ASN B 276 3.19 19.59 26.57
N PRO B 277 4.45 20.01 26.38
CA PRO B 277 5.52 19.04 26.11
C PRO B 277 5.75 18.02 27.22
N ASP B 278 5.57 18.42 28.49
CA ASP B 278 5.83 17.48 29.59
C ASP B 278 4.91 16.26 29.48
N LEU B 279 3.61 16.50 29.21
CA LEU B 279 2.66 15.41 29.13
C LEU B 279 2.93 14.57 27.89
N ILE B 280 3.12 15.22 26.73
CA ILE B 280 3.39 14.47 25.50
C ILE B 280 4.66 13.63 25.66
N GLY B 281 5.73 14.20 26.20
CA GLY B 281 6.97 13.43 26.34
C GLY B 281 6.82 12.29 27.33
N SER B 282 6.20 12.58 28.48
CA SER B 282 6.12 11.52 29.48
CA SER B 282 6.02 11.56 29.53
C SER B 282 5.17 10.40 29.03
N GLU B 283 4.10 10.73 28.30
CA GLU B 283 3.19 9.69 27.85
C GLU B 283 3.81 8.87 26.73
N ILE B 284 4.61 9.48 25.86
CA ILE B 284 5.29 8.66 24.86
C ILE B 284 6.24 7.70 25.55
N ALA B 285 7.00 8.19 26.52
CA ALA B 285 7.93 7.29 27.20
C ALA B 285 7.20 6.13 27.86
N ARG B 286 6.12 6.43 28.56
CA ARG B 286 5.38 5.35 29.21
C ARG B 286 4.81 4.37 28.19
N TRP B 287 4.26 4.90 27.09
CA TRP B 287 3.70 4.01 26.07
C TRP B 287 4.79 3.14 25.43
N LEU B 288 5.97 3.70 25.19
CA LEU B 288 7.01 2.90 24.58
C LEU B 288 7.34 1.67 25.44
N SER B 289 7.27 1.83 26.77
CA SER B 289 7.60 0.72 27.66
C SER B 289 6.60 -0.43 27.55
N THR B 290 5.47 -0.22 26.85
CA THR B 290 4.48 -1.28 26.70
C THR B 290 4.57 -1.98 25.35
N LEU B 291 5.43 -1.52 24.43
CA LEU B 291 5.51 -2.08 23.09
C LEU B 291 6.53 -3.22 23.05
N GLU B 292 6.36 -4.11 22.09
CA GLU B 292 7.33 -5.22 21.92
C GLU B 292 8.48 -4.75 21.05
N ILE B 293 9.38 -3.95 21.63
CA ILE B 293 10.48 -3.30 20.90
C ILE B 293 11.84 -3.47 21.57
N1 IYI C . -0.71 -15.23 -4.47
C7 IYI C . -0.05 -11.53 -4.06
C8 IYI C . -0.80 -12.83 -4.09
N2 IYI C . -6.14 -7.53 11.44
C9 IYI C . 0.08 -13.99 -4.50
O1 IYI C . 1.72 -8.75 0.40
C1 IYI C . 1.63 -8.82 2.81
O5 IYI C . -5.54 -4.64 7.68
C5 IYI C . 0.01 -9.29 -3.02
C6 IYI C . -0.87 -10.40 -3.53
N3 IYI C . -5.31 -2.03 3.68
C4 IYI C . 2.04 -8.83 -1.99
O4 IYI C . -0.19 -15.81 -2.12
C3 IYI C . 1.69 -7.96 -0.79
O3 IYI C . -1.32 -17.46 -3.58
C2 IYI C . 1.43 -7.98 1.56
N IYI C . 1.40 -7.99 4.00
C IYI C . 0.19 -7.92 4.55
O IYI C . -0.80 -8.45 4.06
C10 IYI C . 1.21 -17.06 -3.91
C11 IYI C . 0.06 -7.11 5.81
C12 IYI C . -1.20 -6.61 6.09
C13 IYI C . -1.43 -5.82 7.22
C14 IYI C . -2.81 -5.31 7.43
C15 IYI C . -3.39 -4.41 6.55
C16 IYI C . -2.70 -3.86 5.49
C17 IYI C . -3.34 -3.07 4.54
C18 IYI C . -4.75 -4.10 6.68
C19 IYI C . -4.96 -5.52 8.59
C20 IYI C . -3.62 -5.88 8.52
C21 IYI C . -3.12 -6.78 9.46
C22 IYI C . -3.96 -7.33 10.43
C23 IYI C . -5.32 -6.98 10.48
C24 IYI C . -7.55 -7.18 11.48
C25 IYI C . -5.61 -8.10 12.66
C26 IYI C . -5.81 -6.07 9.54
C27 IYI C . -5.38 -3.28 5.75
C28 IYI C . -4.68 -2.78 4.65
C29 IYI C . -6.69 -1.64 3.85
C30 IYI C . -4.52 -1.30 2.69
C31 IYI C . -0.36 -5.55 8.10
C32 IYI C . -0.47 -4.75 9.35
C33 IYI C . 0.90 -6.07 7.81
C34 IYI C . 1.11 -6.85 6.69
F IYI C . 1.18 -17.34 -5.18
F1 IYI C . 2.18 -16.19 -3.69
F2 IYI C . 1.44 -18.17 -3.23
O2 IYI C . 1.02 -9.80 -2.18
O6 IYI C . -1.09 -3.63 9.25
O7 IYI C . 0.00 -5.16 10.39
S IYI C . -0.41 -16.37 -3.42
CA CA D . 9.82 -17.72 -33.03
CA CA E . -9.27 2.92 21.67
N1 IYI F . -0.18 23.02 8.74
C7 IYI F . -1.71 25.16 11.44
C8 IYI F . -0.64 24.52 10.60
N2 IYI F . 1.87 41.37 7.34
C9 IYI F . -1.19 23.41 9.73
O1 IYI F . -4.35 29.91 11.31
C1 IYI F . -4.50 31.88 9.94
O5 IYI F . 1.15 39.44 11.63
C5 IYI F . -2.30 27.12 12.84
C6 IYI F . -1.19 26.36 12.16
N3 IYI F . 0.81 37.46 15.97
C4 IYI F . -4.50 27.85 12.56
O4 IYI F . -0.90 24.55 6.95
C3 IYI F . -4.37 29.34 12.62
O3 IYI F . 0.72 22.73 6.45
C2 IYI F . -4.33 31.32 11.34
N IYI F . -4.57 33.34 9.99
C IYI F . -3.48 34.11 9.89
O IYI F . -2.35 33.64 9.78
C10 IYI F . -1.78 22.11 6.77
C11 IYI F . -3.69 35.59 9.96
C12 IYI F . -2.60 36.32 10.42
C13 IYI F . -2.63 37.72 10.45
C14 IYI F . -1.39 38.43 10.92
C15 IYI F . -0.89 38.24 12.21
C16 IYI F . -1.55 37.48 13.15
C17 IYI F . -0.99 37.20 14.38
C18 IYI F . 0.37 38.74 12.54
C19 IYI F . 0.65 39.66 10.36
C20 IYI F . -0.59 39.18 9.95
C21 IYI F . -0.97 39.41 8.63
C22 IYI F . -0.13 40.07 7.75
C23 IYI F . 1.10 40.59 8.18
C24 IYI F . 3.29 41.58 7.62
C25 IYI F . 1.46 41.62 5.97
C26 IYI F . 1.48 40.35 9.50
C27 IYI F . 0.93 38.50 13.79
C28 IYI F . 0.25 37.71 14.73
C29 IYI F . 2.02 38.13 16.39
C30 IYI F . 0.01 36.82 17.01
C31 IYI F . -3.80 38.40 10.02
C32 IYI F . -3.98 39.87 10.05
C33 IYI F . -4.88 37.65 9.55
C34 IYI F . -4.82 36.26 9.50
F IYI F . -1.54 20.90 7.24
F1 IYI F . -2.92 22.54 7.28
F2 IYI F . -1.90 22.02 5.45
O2 IYI F . -3.35 27.33 11.91
O6 IYI F . -3.58 40.45 11.14
O7 IYI F . -4.50 40.47 9.11
S IYI F . -0.39 23.23 7.21
#